data_6W6R
#
_entry.id   6W6R
#
_cell.length_a   77.897
_cell.length_b   77.897
_cell.length_c   160.081
_cell.angle_alpha   90.000
_cell.angle_beta   90.000
_cell.angle_gamma   120.000
#
_symmetry.space_group_name_H-M   'P 63 2 2'
#
loop_
_entity.id
_entity.type
_entity.pdbx_description
1 polymer 'HTLV-1 Protease'
2 non-polymer '(3R,3aS,6aR)-hexahydrofuro[2,3-b]furan-3-yl [(1S,2R)-3-{[(4-aminophenyl)sulfonyl](2-ethylbutyl)amino}-1-benzyl-2-hydroxypropyl]carbamate'
3 water water
#
_entity_poly.entity_id   1
_entity_poly.type   'polypeptide(L)'
_entity_poly.pdbx_seq_one_letter_code
;PVIPLDPARRPVIKAQVDTQTSHPKTIEALLDTGADMTVIPIALFSSNTPLKNTSVLGAGGQTQDHFKLTSLPVLIRLPF
RTTPIVLTSCLVDTKNNWAIIGRDALQQCQGVLYLP
;
_entity_poly.pdbx_strand_id   A,B
#
# COMPACT_ATOMS: atom_id res chain seq x y z
N PRO A 1 18.17 -4.88 -3.58
CA PRO A 1 18.55 -4.90 -2.16
C PRO A 1 17.49 -5.42 -1.19
N VAL A 2 17.88 -5.44 0.07
CA VAL A 2 16.97 -5.72 1.16
C VAL A 2 16.47 -4.41 1.70
N ILE A 3 15.15 -4.26 1.80
CA ILE A 3 14.55 -3.04 2.29
C ILE A 3 13.77 -3.38 3.57
N PRO A 4 14.32 -3.01 4.71
CA PRO A 4 13.64 -3.27 5.98
C PRO A 4 12.37 -2.45 6.07
N LEU A 5 11.41 -2.94 6.86
CA LEU A 5 10.10 -2.31 6.93
C LEU A 5 9.90 -1.73 8.32
N ASP A 6 9.52 -0.45 8.37
CA ASP A 6 9.49 0.36 9.59
C ASP A 6 8.30 1.29 9.48
N PRO A 7 7.43 1.33 10.48
CA PRO A 7 6.30 2.28 10.41
C PRO A 7 6.74 3.71 10.27
N ALA A 8 7.93 4.06 10.76
CA ALA A 8 8.35 5.46 10.83
C ALA A 8 9.08 5.95 9.57
N ARG A 9 9.54 5.04 8.71
CA ARG A 9 10.30 5.41 7.51
C ARG A 9 9.66 4.70 6.32
N ARG A 10 9.08 5.49 5.40
N ARG A 10 9.08 5.49 5.40
CA ARG A 10 8.46 4.94 4.20
CA ARG A 10 8.47 4.95 4.19
C ARG A 10 9.51 4.22 3.35
C ARG A 10 9.52 4.21 3.36
N PRO A 11 9.21 3.02 2.84
CA PRO A 11 10.17 2.33 1.95
C PRO A 11 10.23 3.02 0.59
N VAL A 12 11.19 3.88 0.33
CA VAL A 12 11.21 4.63 -0.93
C VAL A 12 12.41 4.23 -1.76
N ILE A 13 12.32 4.53 -3.04
CA ILE A 13 13.44 4.32 -3.95
C ILE A 13 13.49 5.48 -4.93
N LYS A 14 14.68 5.71 -5.53
CA LYS A 14 14.86 6.68 -6.60
C LYS A 14 14.71 5.92 -7.92
N ALA A 15 13.82 6.38 -8.77
CA ALA A 15 13.55 5.69 -10.02
C ALA A 15 13.50 6.71 -11.13
N GLN A 16 14.08 6.38 -12.29
CA GLN A 16 14.02 7.25 -13.44
C GLN A 16 12.80 6.88 -14.28
N VAL A 17 11.87 7.82 -14.46
CA VAL A 17 10.57 7.55 -15.08
C VAL A 17 10.47 8.25 -16.44
N ASP A 18 10.16 7.47 -17.48
CA ASP A 18 10.04 7.95 -18.86
C ASP A 18 8.60 7.79 -19.30
N THR A 19 7.85 8.90 -19.25
CA THR A 19 6.46 8.98 -19.73
C THR A 19 6.38 8.94 -21.25
N GLN A 20 7.52 9.09 -21.92
CA GLN A 20 7.57 9.23 -23.39
C GLN A 20 6.84 10.49 -23.85
N THR A 21 6.50 11.43 -22.97
CA THR A 21 5.88 12.69 -23.37
C THR A 21 6.70 13.90 -22.96
N SER A 22 7.89 13.69 -22.41
CA SER A 22 8.87 14.72 -22.05
C SER A 22 10.13 13.98 -21.65
N HIS A 23 11.17 14.73 -21.26
CA HIS A 23 12.42 14.07 -20.95
C HIS A 23 12.30 13.30 -19.64
N PRO A 24 13.07 12.23 -19.50
CA PRO A 24 12.97 11.38 -18.31
C PRO A 24 13.44 12.11 -17.06
N LYS A 25 12.83 11.77 -15.91
CA LYS A 25 13.18 12.43 -14.67
C LYS A 25 13.32 11.38 -13.57
N THR A 26 14.32 11.59 -12.71
CA THR A 26 14.51 10.75 -11.54
C THR A 26 13.65 11.33 -10.43
N ILE A 27 12.78 10.49 -9.85
CA ILE A 27 11.91 10.87 -8.74
C ILE A 27 12.05 9.85 -7.63
N GLU A 28 11.48 10.20 -6.47
CA GLU A 28 11.49 9.31 -5.32
C GLU A 28 10.12 8.66 -5.21
N ALA A 29 10.09 7.32 -5.20
CA ALA A 29 8.83 6.60 -5.31
C ALA A 29 8.64 5.67 -4.10
N LEU A 30 7.40 5.56 -3.64
CA LEU A 30 7.08 4.67 -2.53
C LEU A 30 6.89 3.24 -3.04
N LEU A 31 7.59 2.30 -2.44
CA LEU A 31 7.44 0.89 -2.84
C LEU A 31 6.26 0.26 -2.13
N ASP A 32 5.24 -0.16 -2.87
CA ASP A 32 3.91 -0.39 -2.29
C ASP A 32 3.26 -1.71 -2.74
N THR A 33 3.40 -2.75 -1.92
CA THR A 33 2.79 -4.03 -2.26
C THR A 33 1.27 -3.98 -2.28
N GLY A 34 0.70 -2.99 -1.64
CA GLY A 34 -0.74 -2.82 -1.68
C GLY A 34 -1.26 -2.11 -2.91
N ALA A 35 -0.42 -1.68 -3.85
CA ALA A 35 -0.91 -1.00 -5.06
C ALA A 35 -0.94 -1.97 -6.23
N ASP A 36 -2.12 -2.19 -6.82
CA ASP A 36 -2.18 -3.00 -8.05
C ASP A 36 -1.39 -2.36 -9.18
N MET A 37 -1.43 -1.04 -9.26
CA MET A 37 -0.93 -0.34 -10.43
C MET A 37 -0.08 0.85 -10.01
N THR A 38 1.01 1.08 -10.75
CA THR A 38 1.91 2.16 -10.41
C THR A 38 1.25 3.50 -10.63
N VAL A 39 1.64 4.50 -9.80
CA VAL A 39 1.06 5.84 -9.83
C VAL A 39 2.17 6.84 -10.10
N ILE A 40 1.96 7.75 -11.06
CA ILE A 40 2.96 8.73 -11.48
C ILE A 40 2.40 10.14 -11.33
N PRO A 41 3.23 11.11 -10.89
CA PRO A 41 2.76 12.49 -10.77
C PRO A 41 2.50 13.11 -12.14
N ILE A 42 1.40 13.85 -12.26
CA ILE A 42 1.11 14.48 -13.55
C ILE A 42 2.22 15.42 -14.01
N ALA A 43 3.02 15.95 -13.08
CA ALA A 43 4.11 16.86 -13.42
C ALA A 43 5.11 16.25 -14.38
N LEU A 44 5.14 14.93 -14.50
CA LEU A 44 6.13 14.30 -15.36
C LEU A 44 5.72 14.24 -16.83
N PHE A 45 4.49 14.63 -17.15
CA PHE A 45 4.02 14.54 -18.53
C PHE A 45 4.13 15.91 -19.18
N SER A 46 3.78 15.99 -20.46
CA SER A 46 3.60 17.26 -21.12
C SER A 46 2.16 17.69 -20.97
N SER A 47 1.93 18.99 -21.08
CA SER A 47 0.57 19.48 -20.92
C SER A 47 -0.20 19.48 -22.24
N ASN A 48 0.37 18.86 -23.28
CA ASN A 48 -0.33 18.56 -24.51
C ASN A 48 -0.60 17.07 -24.66
N THR A 49 -0.58 16.33 -23.55
CA THR A 49 -0.70 14.90 -23.81
C THR A 49 -2.06 14.36 -23.39
N PRO A 50 -2.63 13.43 -24.15
CA PRO A 50 -3.92 12.85 -23.80
C PRO A 50 -3.78 11.78 -22.72
N LEU A 51 -4.65 11.88 -21.70
CA LEU A 51 -4.87 10.87 -20.68
C LEU A 51 -6.35 10.50 -20.68
N LYS A 52 -6.65 9.31 -20.22
CA LYS A 52 -8.04 8.83 -20.22
C LYS A 52 -8.59 8.74 -18.79
N ASN A 53 -9.91 8.81 -18.69
CA ASN A 53 -10.58 8.84 -17.39
C ASN A 53 -10.84 7.42 -16.89
N THR A 54 -11.02 7.30 -15.57
CA THR A 54 -11.16 6.00 -14.91
C THR A 54 -11.29 6.21 -13.39
N SER A 55 -11.86 5.21 -12.72
CA SER A 55 -11.98 5.14 -11.27
C SER A 55 -10.81 4.35 -10.64
N VAL A 56 -10.61 4.58 -9.33
CA VAL A 56 -9.54 3.92 -8.58
C VAL A 56 -9.99 3.59 -7.16
N LEU A 57 -9.79 2.32 -6.77
CA LEU A 57 -9.81 1.96 -5.35
C LEU A 57 -8.95 2.94 -4.56
N GLY A 58 -9.53 3.53 -3.51
CA GLY A 58 -8.71 4.33 -2.63
C GLY A 58 -9.27 4.40 -1.22
N ALA A 59 -8.43 4.90 -0.32
CA ALA A 59 -8.84 5.10 1.07
C ALA A 59 -9.71 6.34 1.19
N GLY A 60 -10.47 6.41 2.27
CA GLY A 60 -11.35 7.54 2.48
C GLY A 60 -12.59 7.55 1.59
N GLY A 61 -12.69 6.62 0.63
CA GLY A 61 -13.80 6.57 -0.31
C GLY A 61 -13.46 6.12 -1.73
N GLN A 62 -14.04 6.79 -2.73
CA GLN A 62 -13.88 6.42 -4.13
C GLN A 62 -13.57 7.68 -4.93
N THR A 63 -12.50 7.62 -5.73
CA THR A 63 -11.99 8.79 -6.45
C THR A 63 -12.23 8.62 -7.96
N GLN A 64 -13.24 9.35 -8.46
CA GLN A 64 -13.57 9.31 -9.88
C GLN A 64 -12.48 9.94 -10.74
N ASP A 65 -12.20 11.23 -10.53
CA ASP A 65 -11.35 11.97 -11.46
C ASP A 65 -10.10 12.53 -10.79
N HIS A 66 -9.78 12.07 -9.59
CA HIS A 66 -8.45 12.31 -9.03
C HIS A 66 -7.38 11.69 -9.94
N PHE A 67 -7.59 10.45 -10.34
CA PHE A 67 -6.62 9.69 -11.12
C PHE A 67 -7.10 9.51 -12.55
N LYS A 68 -6.19 9.65 -13.49
CA LYS A 68 -6.42 9.37 -14.90
C LYS A 68 -5.46 8.25 -15.29
N LEU A 69 -5.64 7.72 -16.49
CA LEU A 69 -4.79 6.66 -17.03
C LEU A 69 -3.93 7.20 -18.17
N THR A 70 -2.72 6.65 -18.33
CA THR A 70 -1.86 7.09 -19.43
C THR A 70 -2.35 6.54 -20.77
N SER A 71 -1.97 7.23 -21.84
CA SER A 71 -2.21 6.74 -23.19
C SER A 71 -1.05 5.89 -23.71
N LEU A 72 0.22 6.27 -23.45
CA LEU A 72 1.38 5.51 -23.85
C LEU A 72 1.99 4.74 -22.70
N PRO A 73 2.74 3.69 -22.98
CA PRO A 73 3.49 2.98 -21.94
C PRO A 73 4.44 3.90 -21.20
N VAL A 74 4.83 3.47 -20.00
CA VAL A 74 5.78 4.19 -19.14
C VAL A 74 6.94 3.26 -18.88
N LEU A 75 8.15 3.74 -19.06
CA LEU A 75 9.35 2.96 -18.77
C LEU A 75 9.98 3.46 -17.49
N ILE A 76 10.45 2.53 -16.67
CA ILE A 76 11.02 2.85 -15.37
C ILE A 76 12.36 2.15 -15.24
N ARG A 77 13.38 2.90 -14.83
CA ARG A 77 14.70 2.34 -14.58
C ARG A 77 15.06 2.52 -13.12
N LEU A 78 15.55 1.48 -12.53
CA LEU A 78 15.97 1.49 -11.15
C LEU A 78 17.48 1.65 -11.05
N PRO A 79 17.99 2.06 -9.88
CA PRO A 79 19.45 2.23 -9.77
C PRO A 79 20.23 0.96 -10.07
N PHE A 80 19.71 -0.19 -9.66
CA PHE A 80 20.42 -1.46 -9.77
C PHE A 80 19.99 -2.28 -10.98
N ARG A 81 19.27 -1.68 -11.94
CA ARG A 81 18.80 -2.39 -13.12
C ARG A 81 19.18 -1.60 -14.36
N THR A 82 19.89 -2.25 -15.29
CA THR A 82 20.18 -1.64 -16.58
C THR A 82 18.92 -1.47 -17.42
N THR A 83 18.12 -2.53 -17.53
CA THR A 83 16.99 -2.59 -18.45
C THR A 83 15.73 -1.99 -17.83
N PRO A 84 14.89 -1.34 -18.64
CA PRO A 84 13.69 -0.68 -18.11
C PRO A 84 12.54 -1.62 -17.81
N ILE A 85 11.77 -1.24 -16.80
CA ILE A 85 10.44 -1.77 -16.58
C ILE A 85 9.51 -1.12 -17.60
N VAL A 86 8.66 -1.91 -18.21
CA VAL A 86 7.75 -1.41 -19.22
C VAL A 86 6.35 -1.64 -18.71
N LEU A 87 5.65 -0.55 -18.40
CA LEU A 87 4.27 -0.62 -17.94
C LEU A 87 3.39 -0.21 -19.09
N THR A 88 2.52 -1.12 -19.54
CA THR A 88 1.69 -0.78 -20.67
C THR A 88 0.71 0.33 -20.31
N SER A 89 0.34 0.44 -19.04
CA SER A 89 -0.54 1.51 -18.60
C SER A 89 -0.34 1.73 -17.11
N CYS A 90 -0.50 2.98 -16.67
CA CYS A 90 -0.39 3.18 -15.24
C CYS A 90 -1.14 4.45 -14.86
N LEU A 91 -1.47 4.56 -13.57
CA LEU A 91 -2.28 5.68 -13.10
C LEU A 91 -1.50 6.99 -13.04
N VAL A 92 -2.22 8.10 -13.15
CA VAL A 92 -1.63 9.43 -13.13
C VAL A 92 -2.30 10.26 -12.04
N ASP A 93 -1.50 10.81 -11.14
CA ASP A 93 -2.02 11.64 -10.06
C ASP A 93 -2.08 13.09 -10.52
N THR A 94 -3.30 13.58 -10.76
CA THR A 94 -3.49 14.94 -11.23
C THR A 94 -3.56 15.94 -10.08
N LYS A 95 -3.44 15.48 -8.81
CA LYS A 95 -3.48 16.37 -7.65
C LYS A 95 -2.33 16.23 -6.66
N ASN A 96 -2.39 15.23 -5.74
CA ASN A 96 -1.46 15.12 -4.61
C ASN A 96 -0.05 14.87 -5.07
N ASN A 97 0.12 14.53 -6.31
CA ASN A 97 1.42 14.50 -6.93
C ASN A 97 2.29 13.42 -6.27
N TRP A 98 1.69 12.24 -5.98
CA TRP A 98 2.29 11.01 -5.45
C TRP A 98 3.03 10.17 -6.50
N ALA A 99 4.09 9.48 -6.07
CA ALA A 99 4.84 8.54 -6.92
C ALA A 99 4.86 7.23 -6.18
N ILE A 100 4.23 6.22 -6.74
CA ILE A 100 4.06 4.93 -6.08
C ILE A 100 4.42 3.81 -7.03
N ILE A 101 5.39 2.98 -6.65
CA ILE A 101 5.76 1.79 -7.38
C ILE A 101 4.86 0.64 -6.89
N GLY A 102 4.01 0.15 -7.78
CA GLY A 102 3.04 -0.87 -7.44
C GLY A 102 3.49 -2.25 -7.90
N ARG A 103 2.56 -3.20 -7.80
CA ARG A 103 2.93 -4.60 -8.05
C ARG A 103 3.12 -4.88 -9.54
N ASP A 104 2.51 -4.09 -10.44
CA ASP A 104 2.85 -4.24 -11.86
C ASP A 104 4.36 -4.09 -12.08
N ALA A 105 4.98 -3.08 -11.47
CA ALA A 105 6.42 -2.90 -11.64
C ALA A 105 7.23 -3.84 -10.77
N LEU A 106 6.80 -4.12 -9.54
CA LEU A 106 7.63 -5.00 -8.71
C LEU A 106 7.66 -6.42 -9.30
N GLN A 107 6.62 -6.83 -10.00
CA GLN A 107 6.66 -8.15 -10.64
C GLN A 107 7.77 -8.25 -11.69
N GLN A 108 7.99 -7.18 -12.47
CA GLN A 108 9.08 -7.24 -13.45
C GLN A 108 10.45 -7.12 -12.80
N CYS A 109 10.54 -6.51 -11.60
CA CYS A 109 11.77 -6.54 -10.80
C CYS A 109 12.07 -7.90 -10.22
N GLN A 110 11.12 -8.84 -10.30
CA GLN A 110 11.17 -10.05 -9.50
C GLN A 110 11.25 -9.71 -8.00
N GLY A 111 10.51 -8.68 -7.59
CA GLY A 111 10.48 -8.32 -6.19
C GLY A 111 9.58 -9.25 -5.40
N VAL A 112 9.93 -9.45 -4.13
CA VAL A 112 9.13 -10.27 -3.24
C VAL A 112 9.08 -9.68 -1.85
N LEU A 113 8.08 -10.11 -1.10
CA LEU A 113 7.95 -9.79 0.31
C LEU A 113 8.35 -11.05 1.07
N TYR A 114 9.20 -10.91 2.08
CA TYR A 114 9.66 -12.06 2.83
C TYR A 114 9.34 -11.86 4.31
N LEU A 115 8.56 -12.78 4.86
CA LEU A 115 8.28 -12.82 6.29
C LEU A 115 8.95 -14.04 6.88
N PRO A 116 9.95 -13.88 7.74
CA PRO A 116 10.72 -14.99 8.33
C PRO A 116 9.84 -15.95 9.15
N PRO B 1 7.49 -17.08 5.02
CA PRO B 1 7.68 -17.44 3.61
C PRO B 1 7.99 -16.27 2.69
N VAL B 2 8.19 -16.62 1.42
CA VAL B 2 8.41 -15.66 0.35
C VAL B 2 7.08 -15.43 -0.34
N ILE B 3 6.70 -14.17 -0.52
CA ILE B 3 5.41 -13.83 -1.10
C ILE B 3 5.66 -13.16 -2.44
N PRO B 4 5.39 -13.84 -3.56
CA PRO B 4 5.61 -13.24 -4.87
C PRO B 4 4.65 -12.07 -5.08
N LEU B 5 5.05 -11.14 -5.95
CA LEU B 5 4.26 -9.94 -6.19
C LEU B 5 3.77 -9.95 -7.62
N ASP B 6 2.46 -9.75 -7.81
CA ASP B 6 1.74 -9.84 -9.09
C ASP B 6 0.61 -8.81 -9.13
N PRO B 7 0.52 -7.99 -10.17
CA PRO B 7 -0.61 -7.04 -10.23
C PRO B 7 -1.95 -7.73 -10.15
N ALA B 8 -2.05 -8.97 -10.63
CA ALA B 8 -3.33 -9.67 -10.75
C ALA B 8 -3.79 -10.37 -9.48
N ARG B 9 -2.91 -10.66 -8.52
CA ARG B 9 -3.28 -11.41 -7.31
C ARG B 9 -2.81 -10.65 -6.08
N ARG B 10 -3.73 -10.08 -5.31
CA ARG B 10 -3.32 -9.29 -4.15
C ARG B 10 -2.59 -10.17 -3.14
N PRO B 11 -1.52 -9.68 -2.51
CA PRO B 11 -0.84 -10.50 -1.49
C PRO B 11 -1.54 -10.53 -0.12
N VAL B 12 -2.36 -11.54 0.14
CA VAL B 12 -3.18 -11.61 1.34
C VAL B 12 -2.71 -12.76 2.21
N ILE B 13 -3.00 -12.67 3.50
CA ILE B 13 -2.78 -13.79 4.37
C ILE B 13 -3.92 -13.87 5.38
N LYS B 14 -4.06 -15.04 5.98
CA LYS B 14 -5.08 -15.30 7.00
C LYS B 14 -4.43 -14.96 8.34
N ALA B 15 -5.07 -14.07 9.09
CA ALA B 15 -4.53 -13.60 10.35
C ALA B 15 -5.61 -13.75 11.42
N GLN B 16 -5.22 -14.24 12.59
CA GLN B 16 -6.14 -14.32 13.70
C GLN B 16 -5.99 -13.04 14.53
N VAL B 17 -7.05 -12.26 14.62
CA VAL B 17 -6.95 -10.94 15.21
C VAL B 17 -7.74 -10.93 16.52
N ASP B 18 -7.10 -10.48 17.58
CA ASP B 18 -7.70 -10.38 18.91
C ASP B 18 -7.74 -8.92 19.33
N THR B 19 -8.91 -8.31 19.25
CA THR B 19 -9.14 -6.94 19.70
C THR B 19 -9.24 -6.78 21.22
N GLN B 20 -9.29 -7.90 21.96
CA GLN B 20 -9.53 -7.89 23.41
C GLN B 20 -10.93 -7.42 23.79
N THR B 21 -11.88 -7.40 22.86
CA THR B 21 -13.26 -7.06 23.17
C THR B 21 -14.24 -8.14 22.74
N SER B 22 -13.74 -9.25 22.25
CA SER B 22 -14.54 -10.38 21.84
C SER B 22 -13.54 -11.49 21.60
N HIS B 23 -14.02 -12.67 21.23
CA HIS B 23 -13.08 -13.74 20.98
C HIS B 23 -12.29 -13.47 19.69
N PRO B 24 -11.10 -14.02 19.57
CA PRO B 24 -10.29 -13.78 18.37
C PRO B 24 -10.93 -14.39 17.14
N LYS B 25 -10.73 -13.73 15.99
CA LYS B 25 -11.38 -14.06 14.74
C LYS B 25 -10.35 -14.06 13.63
N THR B 26 -10.52 -14.98 12.70
CA THR B 26 -9.63 -15.05 11.56
C THR B 26 -10.17 -14.18 10.43
N ILE B 27 -9.31 -13.32 9.89
CA ILE B 27 -9.66 -12.48 8.73
C ILE B 27 -8.59 -12.70 7.67
N GLU B 28 -8.90 -12.25 6.44
CA GLU B 28 -7.93 -12.31 5.35
C GLU B 28 -7.46 -10.88 5.12
N ALA B 29 -6.16 -10.66 5.19
CA ALA B 29 -5.62 -9.30 5.23
C ALA B 29 -4.63 -9.04 4.09
N LEU B 30 -4.66 -7.81 3.57
CA LEU B 30 -3.73 -7.37 2.53
C LEU B 30 -2.41 -6.96 3.16
N LEU B 31 -1.31 -7.54 2.67
CA LEU B 31 0.03 -7.17 3.17
C LEU B 31 0.54 -5.95 2.40
N ASP B 32 0.75 -4.84 3.11
CA ASP B 32 0.83 -3.51 2.48
C ASP B 32 1.99 -2.65 2.99
N THR B 33 3.11 -2.67 2.25
CA THR B 33 4.27 -1.87 2.63
C THR B 33 4.03 -0.37 2.54
N GLY B 34 3.02 0.05 1.78
CA GLY B 34 2.68 1.45 1.74
C GLY B 34 1.75 1.93 2.88
N ALA B 35 1.35 1.04 3.78
CA ALA B 35 0.52 1.44 4.92
C ALA B 35 1.41 1.62 6.14
N ASP B 36 1.41 2.83 6.70
CA ASP B 36 2.14 3.08 7.94
C ASP B 36 1.59 2.22 9.08
N MET B 37 0.28 2.03 9.12
CA MET B 37 -0.42 1.52 10.29
C MET B 37 -1.47 0.51 9.85
N THR B 38 -1.65 -0.55 10.65
CA THR B 38 -2.57 -1.64 10.31
C THR B 38 -4.03 -1.14 10.40
N VAL B 39 -4.89 -1.73 9.57
CA VAL B 39 -6.35 -1.43 9.55
C VAL B 39 -7.13 -2.72 9.72
N ILE B 40 -8.10 -2.74 10.63
CA ILE B 40 -8.91 -3.93 10.80
C ILE B 40 -10.37 -3.51 10.71
N PRO B 41 -11.25 -4.41 10.29
CA PRO B 41 -12.68 -4.10 10.18
C PRO B 41 -13.38 -3.88 11.52
N ILE B 42 -14.29 -2.91 11.54
CA ILE B 42 -15.14 -2.76 12.72
C ILE B 42 -15.91 -4.05 13.02
N ALA B 43 -16.12 -4.92 12.03
CA ALA B 43 -16.88 -6.13 12.29
C ALA B 43 -16.28 -6.99 13.38
N LEU B 44 -15.01 -6.78 13.72
CA LEU B 44 -14.37 -7.62 14.74
C LEU B 44 -14.75 -7.22 16.15
N PHE B 45 -15.43 -6.11 16.32
CA PHE B 45 -15.66 -5.60 17.65
C PHE B 45 -17.06 -5.88 18.14
N SER B 46 -17.30 -5.50 19.38
CA SER B 46 -18.65 -5.31 19.90
C SER B 46 -19.02 -3.86 19.65
N SER B 47 -20.31 -3.58 19.51
CA SER B 47 -20.70 -2.21 19.24
C SER B 47 -20.86 -1.40 20.51
N ASN B 48 -20.35 -1.95 21.62
CA ASN B 48 -20.24 -1.20 22.87
C ASN B 48 -18.80 -0.82 23.20
N THR B 49 -17.90 -0.83 22.23
CA THR B 49 -16.54 -0.55 22.65
C THR B 49 -16.13 0.86 22.24
N PRO B 50 -15.32 1.51 23.08
CA PRO B 50 -14.87 2.88 22.79
C PRO B 50 -13.74 2.90 21.78
N LEU B 51 -13.87 3.75 20.77
CA LEU B 51 -12.84 4.09 19.82
C LEU B 51 -12.61 5.61 19.84
N LYS B 52 -11.45 6.03 19.35
CA LYS B 52 -11.06 7.44 19.32
C LYS B 52 -11.07 7.95 17.88
N ASN B 53 -11.26 9.25 17.72
CA ASN B 53 -11.37 9.81 16.38
C ASN B 53 -9.99 10.07 15.80
N THR B 54 -9.95 10.37 14.50
CA THR B 54 -8.65 10.37 13.83
C THR B 54 -8.77 10.93 12.42
N SER B 55 -7.68 11.55 11.96
CA SER B 55 -7.48 11.98 10.58
C SER B 55 -6.55 11.01 9.87
N VAL B 56 -6.75 10.81 8.56
CA VAL B 56 -5.78 10.06 7.76
C VAL B 56 -5.84 10.45 6.29
N LEU B 57 -4.70 10.90 5.76
CA LEU B 57 -4.44 10.95 4.33
C LEU B 57 -4.78 9.63 3.65
N GLY B 58 -5.49 9.69 2.51
CA GLY B 58 -5.83 8.51 1.74
C GLY B 58 -5.85 8.78 0.25
N ALA B 59 -6.07 7.70 -0.52
CA ALA B 59 -6.06 7.71 -1.99
C ALA B 59 -7.26 8.41 -2.61
N GLY B 60 -8.29 8.72 -1.84
CA GLY B 60 -9.44 9.43 -2.35
C GLY B 60 -9.47 10.86 -1.83
N GLY B 61 -8.59 11.18 -0.88
CA GLY B 61 -8.51 12.50 -0.25
C GLY B 61 -8.28 12.41 1.25
N GLN B 62 -8.98 13.22 2.04
CA GLN B 62 -8.91 13.18 3.50
C GLN B 62 -10.33 13.21 4.03
N THR B 63 -10.70 12.19 4.80
CA THR B 63 -12.09 12.01 5.27
C THR B 63 -12.19 12.20 6.78
N GLN B 64 -13.43 12.37 7.26
CA GLN B 64 -13.77 12.69 8.64
C GLN B 64 -13.44 11.58 9.64
N ASP B 65 -14.38 10.64 9.74
CA ASP B 65 -14.48 9.58 10.74
C ASP B 65 -14.60 8.24 10.06
N HIS B 66 -14.16 8.15 8.80
CA HIS B 66 -14.07 6.86 8.13
C HIS B 66 -13.32 5.88 9.03
N PHE B 67 -12.17 6.31 9.55
CA PHE B 67 -11.31 5.47 10.37
C PHE B 67 -11.34 5.94 11.82
N LYS B 68 -11.33 4.97 12.74
CA LYS B 68 -11.18 5.23 14.16
C LYS B 68 -9.94 4.49 14.66
N LEU B 69 -9.54 4.83 15.88
CA LEU B 69 -8.38 4.27 16.52
C LEU B 69 -8.81 3.41 17.71
N THR B 70 -8.14 2.27 17.92
CA THR B 70 -8.49 1.40 19.03
C THR B 70 -7.98 1.97 20.35
N SER B 71 -8.66 1.64 21.44
CA SER B 71 -8.15 2.11 22.74
C SER B 71 -7.13 1.15 23.32
N LEU B 72 -7.36 -0.17 23.16
CA LEU B 72 -6.50 -1.23 23.64
C LEU B 72 -5.63 -1.80 22.52
N PRO B 73 -4.49 -2.37 22.88
CA PRO B 73 -3.67 -3.07 21.89
C PRO B 73 -4.46 -4.17 21.20
N VAL B 74 -3.97 -4.55 20.01
CA VAL B 74 -4.56 -5.62 19.20
C VAL B 74 -3.48 -6.64 19.02
N LEU B 75 -3.82 -7.91 19.21
CA LEU B 75 -2.86 -8.98 18.98
C LEU B 75 -3.22 -9.71 17.71
N ILE B 76 -2.18 -10.08 16.96
CA ILE B 76 -2.36 -10.72 15.67
C ILE B 76 -1.46 -11.92 15.63
N ARG B 77 -2.00 -13.06 15.26
CA ARG B 77 -1.24 -14.27 15.08
C ARG B 77 -1.32 -14.69 13.62
N LEU B 78 -0.16 -14.96 13.05
CA LEU B 78 0.00 -15.43 11.70
C LEU B 78 0.18 -16.94 11.71
N PRO B 79 -0.13 -17.62 10.62
CA PRO B 79 -0.03 -19.10 10.62
C PRO B 79 1.37 -19.59 10.93
N PHE B 80 2.40 -18.91 10.44
CA PHE B 80 3.78 -19.37 10.48
C PHE B 80 4.60 -18.78 11.63
N ARG B 81 3.98 -18.16 12.61
CA ARG B 81 4.71 -17.53 13.71
C ARG B 81 4.14 -18.03 15.01
N THR B 82 5.04 -18.43 15.92
CA THR B 82 4.63 -18.86 17.25
C THR B 82 3.92 -17.73 18.01
N THR B 83 4.57 -16.58 18.10
CA THR B 83 4.29 -15.39 18.90
C THR B 83 3.31 -14.46 18.23
N PRO B 84 2.47 -13.80 19.02
CA PRO B 84 1.60 -12.78 18.44
C PRO B 84 2.35 -11.49 18.21
N ILE B 85 1.92 -10.80 17.17
CA ILE B 85 2.24 -9.38 16.99
C ILE B 85 1.34 -8.61 17.93
N VAL B 86 1.90 -7.64 18.63
CA VAL B 86 1.11 -6.83 19.55
C VAL B 86 1.24 -5.39 19.09
N LEU B 87 0.15 -4.80 18.61
CA LEU B 87 0.14 -3.42 18.14
C LEU B 87 -0.49 -2.58 19.23
N THR B 88 0.21 -1.53 19.66
CA THR B 88 -0.32 -0.71 20.73
C THR B 88 -1.63 -0.07 20.33
N SER B 89 -1.80 0.24 19.06
CA SER B 89 -3.05 0.76 18.56
C SER B 89 -3.04 0.59 17.05
N CYS B 90 -4.21 0.49 16.46
CA CYS B 90 -4.25 0.45 15.01
C CYS B 90 -5.57 1.01 14.56
N LEU B 91 -5.68 1.27 13.25
CA LEU B 91 -6.87 1.87 12.69
C LEU B 91 -8.02 0.88 12.60
N VAL B 92 -9.23 1.42 12.67
CA VAL B 92 -10.45 0.62 12.57
C VAL B 92 -11.31 1.21 11.46
N ASP B 93 -11.62 0.38 10.45
CA ASP B 93 -12.41 0.80 9.29
C ASP B 93 -13.88 0.61 9.63
N THR B 94 -14.59 1.71 9.82
CA THR B 94 -16.00 1.63 10.17
C THR B 94 -16.92 1.55 8.95
N LYS B 95 -16.37 1.56 7.73
CA LYS B 95 -17.21 1.52 6.54
C LYS B 95 -16.86 0.28 5.71
N ASN B 96 -15.76 0.31 4.97
CA ASN B 96 -15.52 -0.78 4.01
C ASN B 96 -15.07 -2.09 4.66
N ASN B 97 -14.76 -2.08 5.94
CA ASN B 97 -14.32 -3.30 6.64
C ASN B 97 -13.07 -3.87 5.94
N TRP B 98 -12.14 -2.98 5.57
CA TRP B 98 -10.85 -3.41 5.03
C TRP B 98 -10.00 -4.03 6.13
N ALA B 99 -9.15 -4.96 5.72
CA ALA B 99 -8.17 -5.60 6.58
C ALA B 99 -6.84 -5.45 5.90
N ILE B 100 -5.95 -4.66 6.50
CA ILE B 100 -4.67 -4.30 5.88
C ILE B 100 -3.56 -4.46 6.92
N ILE B 101 -2.58 -5.31 6.63
CA ILE B 101 -1.42 -5.43 7.48
C ILE B 101 -0.36 -4.45 7.02
N GLY B 102 -0.02 -3.50 7.91
CA GLY B 102 0.88 -2.42 7.59
C GLY B 102 2.28 -2.63 8.17
N ARG B 103 3.08 -1.59 8.05
CA ARG B 103 4.49 -1.72 8.40
C ARG B 103 4.70 -1.79 9.91
N ASP B 104 3.78 -1.25 10.71
CA ASP B 104 3.87 -1.47 12.16
C ASP B 104 3.90 -2.96 12.47
N ALA B 105 3.04 -3.74 11.83
CA ALA B 105 3.04 -5.18 12.02
C ALA B 105 4.17 -5.87 11.29
N LEU B 106 4.52 -5.40 10.08
CA LEU B 106 5.57 -6.12 9.37
C LEU B 106 6.93 -5.98 10.07
N GLN B 107 7.21 -4.83 10.71
CA GLN B 107 8.46 -4.69 11.47
C GLN B 107 8.58 -5.71 12.59
N GLN B 108 7.46 -6.04 13.26
CA GLN B 108 7.55 -7.01 14.35
C GLN B 108 7.76 -8.44 13.87
N CYS B 109 7.33 -8.78 12.65
CA CYS B 109 7.79 -10.04 12.05
C CYS B 109 9.19 -9.95 11.48
N GLN B 110 9.82 -8.78 11.48
CA GLN B 110 11.03 -8.60 10.70
C GLN B 110 10.79 -8.93 9.23
N GLY B 111 9.66 -8.49 8.70
CA GLY B 111 9.39 -8.66 7.29
C GLY B 111 10.22 -7.69 6.48
N VAL B 112 10.57 -8.08 5.27
CA VAL B 112 11.37 -7.22 4.44
C VAL B 112 10.84 -7.32 3.03
N LEU B 113 11.19 -6.30 2.27
CA LEU B 113 10.94 -6.26 0.84
C LEU B 113 12.28 -6.50 0.17
N TYR B 114 12.31 -7.39 -0.81
CA TYR B 114 13.56 -7.75 -1.48
C TYR B 114 13.38 -7.56 -2.97
N LEU B 115 14.21 -6.71 -3.55
CA LEU B 115 14.30 -6.55 -4.99
C LEU B 115 15.65 -7.08 -5.41
N PRO B 116 15.74 -8.17 -6.19
CA PRO B 116 17.06 -8.76 -6.48
C PRO B 116 18.01 -7.81 -7.17
#